data_6NZH
#
_entry.id   6NZH
#
_cell.length_a   69.710
_cell.length_b   65.530
_cell.length_c   74.430
_cell.angle_alpha   90.000
_cell.angle_beta   112.710
_cell.angle_gamma   90.000
#
_symmetry.space_group_name_H-M   'P 1 21 1'
#
loop_
_entity.id
_entity.type
_entity.pdbx_description
1 polymer 'Non-receptor tyrosine-protein kinase TYK2'
2 non-polymer 6-[(cyclopropanecarbonyl)amino]-N-methyl-4-{[2-(methylsulfonyl)phenyl]amino}pyridine-3-carboxamide
3 water water
#
_entity_poly.entity_id   1
_entity_poly.type   'polypeptide(L)'
_entity_poly.pdbx_seq_one_letter_code
;MGSSHHHHHHSSGETVRFQGHMNLSQLSFHRVDQKEITQLSHLGQGTRTNVYEGRLRVEGSGDPEEGKMDDEDPLVPGRD
RGQELRVVLKVLDPSHHDIALAFYETASLMSQVSHTHLAFVHGVCVRGPENIMVTEYVEHGPLDVWLRRERGHVPMAWKM
VVAQQLASALSYLENKNLVHGNVCGRNILLARLGLAEGTSPFIKLSDPGVGLGALSREERVERIPWLAPECLPGGANSLS
TAMDKWGFGATLLEICFDGEAPLQSRSPSEKEHFYQRQHRLPEPSCPQLATLTSQCLTYEPTQRPSFRTILRDLTRL
;
_entity_poly.pdbx_strand_id   A,B
#
# COMPACT_ATOMS: atom_id res chain seq x y z
N PHE A 29 24.74 7.33 -16.11
CA PHE A 29 23.72 6.31 -15.88
C PHE A 29 24.09 4.92 -16.39
N HIS A 30 23.43 3.88 -15.85
CA HIS A 30 23.60 2.50 -16.24
C HIS A 30 22.85 2.15 -17.52
N ARG A 31 23.45 1.30 -18.38
CA ARG A 31 22.80 0.84 -19.59
C ARG A 31 22.12 -0.48 -19.38
N VAL A 32 20.86 -0.52 -19.77
CA VAL A 32 20.02 -1.69 -19.67
C VAL A 32 19.86 -2.27 -21.08
N ASP A 33 19.95 -3.61 -21.20
CA ASP A 33 19.78 -4.33 -22.46
C ASP A 33 18.30 -4.69 -22.56
N GLN A 34 17.73 -4.72 -23.80
CA GLN A 34 16.34 -5.09 -24.04
C GLN A 34 16.02 -6.51 -23.58
N LYS A 35 17.07 -7.36 -23.50
CA LYS A 35 16.96 -8.76 -23.04
C LYS A 35 16.64 -8.81 -21.54
N GLU A 36 16.99 -7.72 -20.80
CA GLU A 36 16.79 -7.61 -19.36
C GLU A 36 15.42 -7.00 -18.97
N ILE A 37 14.67 -6.43 -19.93
CA ILE A 37 13.39 -5.77 -19.61
C ILE A 37 12.17 -6.40 -20.32
N THR A 38 11.05 -6.47 -19.60
CA THR A 38 9.76 -7.00 -20.05
C THR A 38 8.77 -5.85 -19.92
N GLN A 39 8.14 -5.43 -21.03
CA GLN A 39 7.11 -4.38 -21.03
C GLN A 39 5.69 -4.98 -20.87
N LEU A 40 4.92 -4.48 -19.87
CA LEU A 40 3.56 -4.91 -19.53
C LEU A 40 2.49 -3.79 -19.77
N SER A 41 1.53 -3.61 -18.81
CA SER A 41 0.41 -2.66 -18.92
C SER A 41 0.78 -1.15 -18.92
N HIS A 42 0.11 -0.39 -19.79
CA HIS A 42 0.24 1.05 -19.97
C HIS A 42 -0.40 1.74 -18.80
N LEU A 43 0.41 2.45 -17.99
CA LEU A 43 -0.05 3.18 -16.80
C LEU A 43 -0.59 4.58 -17.10
N GLY A 44 0.08 5.27 -18.02
CA GLY A 44 -0.30 6.61 -18.45
C GLY A 44 0.70 7.21 -19.42
N GLN A 45 0.64 8.52 -19.60
CA GLN A 45 1.56 9.24 -20.47
C GLN A 45 2.27 10.35 -19.67
N GLY A 46 3.50 10.64 -20.09
CA GLY A 46 4.33 11.73 -19.58
C GLY A 46 4.57 12.68 -20.74
N THR A 47 5.39 13.72 -20.57
CA THR A 47 5.69 14.61 -21.69
C THR A 47 6.61 13.83 -22.62
N ARG A 48 6.10 13.57 -23.85
CA ARG A 48 6.75 12.81 -24.93
C ARG A 48 7.02 11.34 -24.56
N THR A 49 6.31 10.80 -23.53
CA THR A 49 6.50 9.42 -23.09
C THR A 49 5.20 8.67 -22.84
N ASN A 50 5.29 7.35 -22.88
CA ASN A 50 4.23 6.44 -22.53
C ASN A 50 4.82 5.62 -21.43
N VAL A 51 4.15 5.60 -20.30
CA VAL A 51 4.59 4.96 -19.07
C VAL A 51 3.89 3.61 -18.98
N TYR A 52 4.70 2.57 -18.83
CA TYR A 52 4.27 1.18 -18.73
C TYR A 52 4.80 0.52 -17.48
N GLU A 53 4.09 -0.49 -17.00
CA GLU A 53 4.55 -1.33 -15.92
C GLU A 53 5.47 -2.32 -16.64
N GLY A 54 6.48 -2.80 -15.95
CA GLY A 54 7.40 -3.75 -16.55
C GLY A 54 8.18 -4.54 -15.53
N ARG A 55 9.10 -5.39 -16.03
CA ARG A 55 9.97 -6.19 -15.18
C ARG A 55 11.41 -5.99 -15.64
N LEU A 56 12.37 -6.22 -14.72
CA LEU A 56 13.80 -6.06 -14.95
C LEU A 56 14.52 -7.22 -14.26
N LEU A 85 12.73 -7.93 -10.74
CA LEU A 85 12.29 -6.72 -10.06
C LEU A 85 11.17 -6.01 -10.85
N ARG A 86 10.11 -5.51 -10.13
CA ARG A 86 9.02 -4.75 -10.76
C ARG A 86 9.51 -3.29 -10.96
N VAL A 87 9.38 -2.80 -12.20
CA VAL A 87 9.83 -1.47 -12.60
C VAL A 87 8.72 -0.72 -13.34
N VAL A 88 8.99 0.56 -13.62
CA VAL A 88 8.17 1.43 -14.44
C VAL A 88 9.05 1.80 -15.62
N LEU A 89 8.56 1.56 -16.82
CA LEU A 89 9.30 1.85 -18.04
C LEU A 89 8.71 3.07 -18.75
N LYS A 90 9.54 4.13 -18.91
CA LYS A 90 9.15 5.39 -19.57
C LYS A 90 9.71 5.38 -20.99
N VAL A 91 8.81 5.09 -21.94
CA VAL A 91 9.16 4.96 -23.34
C VAL A 91 9.11 6.33 -24.08
N LEU A 92 10.28 6.90 -24.37
CA LEU A 92 10.36 8.15 -25.11
C LEU A 92 9.84 7.94 -26.56
N ASP A 93 9.08 8.91 -27.07
CA ASP A 93 8.51 8.93 -28.41
C ASP A 93 9.64 8.98 -29.44
N PRO A 94 9.44 8.62 -30.73
CA PRO A 94 10.53 8.82 -31.71
C PRO A 94 10.82 10.33 -31.71
N SER A 95 12.05 10.69 -31.29
CA SER A 95 12.47 12.05 -31.02
C SER A 95 13.71 12.51 -31.75
N HIS A 96 13.90 13.84 -31.77
CA HIS A 96 15.09 14.53 -32.22
C HIS A 96 16.12 14.22 -31.11
N HIS A 97 17.43 14.37 -31.45
CA HIS A 97 18.57 14.15 -30.55
C HIS A 97 18.58 15.08 -29.33
N ASP A 98 18.02 16.32 -29.43
CA ASP A 98 17.90 17.29 -28.32
C ASP A 98 16.99 16.74 -27.22
N ILE A 99 15.85 16.11 -27.62
CA ILE A 99 14.88 15.54 -26.68
C ILE A 99 15.50 14.27 -26.05
N ALA A 100 16.08 13.38 -26.86
CA ALA A 100 16.85 12.22 -26.42
C ALA A 100 17.94 12.65 -25.40
N LEU A 101 18.73 13.75 -25.68
CA LEU A 101 19.78 14.29 -24.79
C LEU A 101 19.21 14.80 -23.45
N ALA A 102 18.05 15.48 -23.52
CA ALA A 102 17.35 16.02 -22.36
C ALA A 102 16.89 14.87 -21.47
N PHE A 103 16.45 13.73 -22.09
CA PHE A 103 15.97 12.51 -21.43
C PHE A 103 17.15 11.87 -20.74
N TYR A 104 18.33 11.83 -21.41
CA TYR A 104 19.57 11.27 -20.87
C TYR A 104 20.08 12.10 -19.71
N GLU A 105 19.99 13.44 -19.82
CA GLU A 105 20.41 14.36 -18.74
C GLU A 105 19.61 14.06 -17.46
N THR A 106 18.32 13.68 -17.61
CA THR A 106 17.41 13.33 -16.51
C THR A 106 17.78 11.96 -15.91
N ALA A 107 18.19 10.99 -16.74
CA ALA A 107 18.61 9.68 -16.24
C ALA A 107 19.92 9.82 -15.47
N SER A 108 20.80 10.72 -15.94
CA SER A 108 22.09 11.02 -15.35
C SER A 108 21.89 11.63 -13.98
N LEU A 109 21.15 12.76 -13.91
CA LEU A 109 20.84 13.49 -12.68
C LEU A 109 20.29 12.55 -11.61
N MET A 110 19.24 11.82 -11.95
CA MET A 110 18.54 10.90 -11.06
C MET A 110 19.34 9.64 -10.68
N SER A 111 20.38 9.31 -11.45
CA SER A 111 21.25 8.15 -11.15
C SER A 111 22.37 8.55 -10.15
N GLN A 112 22.76 9.84 -10.13
CA GLN A 112 23.80 10.43 -9.29
C GLN A 112 23.26 10.97 -7.95
N VAL A 113 21.94 10.90 -7.75
CA VAL A 113 21.30 11.35 -6.51
C VAL A 113 20.82 10.13 -5.72
N SER A 114 20.64 10.32 -4.40
CA SER A 114 20.13 9.32 -3.48
C SER A 114 19.51 10.06 -2.31
N HIS A 115 18.18 9.91 -2.18
CA HIS A 115 17.35 10.50 -1.13
C HIS A 115 16.13 9.61 -0.94
N THR A 116 15.64 9.46 0.31
CA THR A 116 14.47 8.59 0.60
C THR A 116 13.23 9.03 -0.18
N HIS A 117 13.04 10.34 -0.35
CA HIS A 117 11.87 10.88 -1.04
C HIS A 117 12.13 11.24 -2.52
N LEU A 118 13.02 10.49 -3.18
CA LEU A 118 13.36 10.60 -4.60
C LEU A 118 13.30 9.19 -5.17
N ALA A 119 12.47 9.00 -6.20
CA ALA A 119 12.31 7.72 -6.87
C ALA A 119 13.59 7.39 -7.63
N PHE A 120 13.98 6.11 -7.58
CA PHE A 120 15.15 5.48 -8.16
C PHE A 120 15.09 5.32 -9.70
N VAL A 121 16.25 5.48 -10.36
CA VAL A 121 16.43 5.25 -11.80
C VAL A 121 17.41 4.08 -11.93
N HIS A 122 16.93 2.96 -12.48
CA HIS A 122 17.72 1.75 -12.69
C HIS A 122 18.69 1.88 -13.86
N GLY A 123 18.38 2.75 -14.82
CA GLY A 123 19.18 3.02 -16.00
C GLY A 123 18.37 3.40 -17.22
N VAL A 124 18.97 3.24 -18.42
CA VAL A 124 18.37 3.57 -19.73
C VAL A 124 18.67 2.46 -20.72
N CYS A 125 17.66 2.09 -21.49
CA CYS A 125 17.77 1.13 -22.56
C CYS A 125 17.71 1.94 -23.89
N VAL A 126 18.83 1.97 -24.60
CA VAL A 126 18.89 2.69 -25.86
C VAL A 126 19.19 1.71 -26.99
N ARG A 127 18.15 1.39 -27.78
CA ARG A 127 18.28 0.51 -28.94
C ARG A 127 17.44 1.05 -30.10
N GLY A 128 18.15 1.52 -31.13
CA GLY A 128 17.60 2.07 -32.35
C GLY A 128 16.86 3.36 -32.13
N PRO A 129 15.55 3.42 -32.50
CA PRO A 129 14.80 4.68 -32.33
C PRO A 129 14.15 4.83 -30.96
N GLU A 130 14.22 3.77 -30.14
CA GLU A 130 13.62 3.66 -28.80
C GLU A 130 14.51 4.07 -27.66
N ASN A 131 13.99 4.93 -26.73
CA ASN A 131 14.72 5.31 -25.53
C ASN A 131 13.81 4.96 -24.37
N ILE A 132 14.17 3.94 -23.58
CA ILE A 132 13.37 3.49 -22.41
C ILE A 132 14.05 3.80 -21.07
N MET A 133 13.45 4.65 -20.23
CA MET A 133 14.03 4.93 -18.92
C MET A 133 13.49 3.93 -17.94
N VAL A 134 14.38 3.13 -17.36
CA VAL A 134 13.95 2.11 -16.41
C VAL A 134 13.99 2.73 -15.03
N THR A 135 12.80 2.90 -14.42
CA THR A 135 12.62 3.55 -13.11
C THR A 135 11.90 2.69 -12.05
N GLU A 136 11.94 3.13 -10.78
CA GLU A 136 11.29 2.56 -9.60
C GLU A 136 9.76 2.48 -9.79
N TYR A 137 9.14 1.31 -9.45
CA TYR A 137 7.67 1.16 -9.50
C TYR A 137 7.25 1.49 -8.08
N VAL A 138 6.39 2.54 -7.92
CA VAL A 138 5.89 3.04 -6.63
C VAL A 138 4.40 2.66 -6.58
N GLU A 139 4.08 1.78 -5.60
CA GLU A 139 2.83 1.10 -5.27
C GLU A 139 1.50 1.77 -5.67
N HIS A 140 1.20 2.97 -5.14
CA HIS A 140 -0.09 3.63 -5.35
C HIS A 140 -0.07 4.74 -6.41
N GLY A 141 1.07 4.89 -7.07
CA GLY A 141 1.24 5.83 -8.17
C GLY A 141 1.06 7.30 -7.87
N PRO A 142 0.75 8.12 -8.94
CA PRO A 142 0.60 9.59 -8.79
C PRO A 142 -0.33 10.10 -7.67
N LEU A 143 0.13 11.16 -7.00
CA LEU A 143 -0.56 11.79 -5.89
C LEU A 143 -1.88 12.49 -6.28
N ASP A 144 -1.87 13.25 -7.39
CA ASP A 144 -3.02 14.00 -7.89
C ASP A 144 -4.20 13.07 -8.16
N VAL A 145 -3.93 11.92 -8.83
CA VAL A 145 -4.95 10.91 -9.16
C VAL A 145 -5.63 10.39 -7.88
N TRP A 146 -4.82 10.17 -6.83
CA TRP A 146 -5.25 9.71 -5.52
C TRP A 146 -6.09 10.72 -4.75
N LEU A 147 -5.59 11.96 -4.65
CA LEU A 147 -6.25 13.08 -3.98
C LEU A 147 -7.63 13.37 -4.62
N ARG A 148 -7.75 13.17 -5.93
CA ARG A 148 -8.99 13.37 -6.67
C ARG A 148 -10.02 12.27 -6.33
N ARG A 149 -9.57 11.00 -6.19
CA ARG A 149 -10.37 9.82 -5.78
C ARG A 149 -10.87 10.01 -4.34
N GLU A 150 -10.04 10.59 -3.46
CA GLU A 150 -10.30 10.81 -2.03
C GLU A 150 -10.70 12.25 -1.63
N ARG A 151 -11.16 13.10 -2.59
CA ARG A 151 -11.57 14.50 -2.36
C ARG A 151 -12.56 14.65 -1.20
N GLY A 152 -12.28 15.59 -0.33
CA GLY A 152 -13.07 15.86 0.87
C GLY A 152 -12.80 14.91 2.01
N HIS A 153 -11.90 13.92 1.81
CA HIS A 153 -11.60 12.91 2.82
C HIS A 153 -10.13 12.82 3.13
N VAL A 154 -9.38 13.86 2.77
CA VAL A 154 -7.94 13.92 3.04
C VAL A 154 -7.63 14.93 4.17
N PRO A 155 -7.23 14.44 5.38
CA PRO A 155 -6.92 15.36 6.49
C PRO A 155 -5.79 16.34 6.21
N MET A 156 -5.83 17.49 6.89
CA MET A 156 -4.81 18.54 6.74
C MET A 156 -3.43 18.09 7.28
N ALA A 157 -3.41 17.23 8.32
CA ALA A 157 -2.19 16.69 8.91
C ALA A 157 -1.44 15.76 7.92
N TRP A 158 -2.19 15.04 7.06
CA TRP A 158 -1.68 14.15 6.01
C TRP A 158 -0.96 14.99 4.95
N LYS A 159 -1.66 16.05 4.48
CA LYS A 159 -1.12 17.01 3.51
C LYS A 159 0.19 17.64 4.01
N MET A 160 0.26 17.91 5.33
CA MET A 160 1.44 18.50 5.98
C MET A 160 2.67 17.60 5.88
N VAL A 161 2.53 16.28 6.12
CA VAL A 161 3.60 15.30 5.99
C VAL A 161 4.16 15.30 4.55
N VAL A 162 3.30 15.14 3.52
CA VAL A 162 3.61 15.15 2.07
C VAL A 162 4.41 16.44 1.71
N ALA A 163 3.95 17.63 2.17
CA ALA A 163 4.64 18.91 1.97
C ALA A 163 6.08 18.84 2.50
N GLN A 164 6.27 18.37 3.76
CA GLN A 164 7.57 18.21 4.43
C GLN A 164 8.47 17.19 3.72
N GLN A 165 7.91 16.07 3.29
CA GLN A 165 8.67 15.06 2.55
C GLN A 165 9.09 15.65 1.21
N LEU A 166 8.20 16.34 0.51
CA LEU A 166 8.50 17.00 -0.77
C LEU A 166 9.57 18.08 -0.57
N ALA A 167 9.44 18.93 0.47
CA ALA A 167 10.43 19.97 0.76
C ALA A 167 11.81 19.42 1.19
N SER A 168 11.90 18.27 1.90
CA SER A 168 13.20 17.71 2.26
C SER A 168 13.96 17.22 1.00
N ALA A 169 13.24 16.53 0.07
CA ALA A 169 13.74 16.04 -1.23
C ALA A 169 14.28 17.22 -2.03
N LEU A 170 13.50 18.32 -2.07
CA LEU A 170 13.85 19.53 -2.79
C LEU A 170 14.98 20.33 -2.14
N SER A 171 15.11 20.26 -0.80
CA SER A 171 16.18 20.92 -0.03
C SER A 171 17.50 20.22 -0.31
N TYR A 172 17.48 18.88 -0.46
CA TYR A 172 18.61 18.02 -0.81
C TYR A 172 19.14 18.44 -2.18
N LEU A 173 18.24 18.65 -3.18
CA LEU A 173 18.62 19.04 -4.54
C LEU A 173 19.20 20.43 -4.53
N GLU A 174 18.56 21.35 -3.76
CA GLU A 174 18.97 22.75 -3.59
C GLU A 174 20.41 22.84 -3.05
N ASN A 175 20.75 22.03 -2.01
CA ASN A 175 22.08 21.98 -1.41
C ASN A 175 23.15 21.54 -2.40
N LYS A 176 22.79 20.77 -3.42
CA LYS A 176 23.70 20.28 -4.45
C LYS A 176 23.56 21.15 -5.71
N ASN A 177 22.82 22.27 -5.62
CA ASN A 177 22.57 23.21 -6.74
C ASN A 177 22.09 22.47 -8.01
N LEU A 178 21.17 21.49 -7.81
CA LEU A 178 20.52 20.68 -8.84
C LEU A 178 19.07 21.09 -8.91
N VAL A 179 18.51 21.17 -10.15
CA VAL A 179 17.12 21.56 -10.44
C VAL A 179 16.28 20.34 -10.88
N HIS A 180 15.05 20.25 -10.41
CA HIS A 180 14.12 19.22 -10.82
C HIS A 180 13.45 19.69 -12.16
N GLY A 181 12.75 20.83 -12.11
CA GLY A 181 12.09 21.45 -13.28
C GLY A 181 10.69 20.96 -13.60
N ASN A 182 10.24 19.95 -12.84
CA ASN A 182 8.92 19.37 -13.04
C ASN A 182 8.28 18.88 -11.73
N VAL A 183 8.14 19.80 -10.74
CA VAL A 183 7.50 19.49 -9.46
C VAL A 183 5.98 19.78 -9.65
N CYS A 184 5.17 18.70 -9.62
CA CYS A 184 3.71 18.72 -9.71
C CYS A 184 3.21 17.44 -9.07
N GLY A 185 1.92 17.40 -8.75
CA GLY A 185 1.29 16.25 -8.10
C GLY A 185 1.54 14.95 -8.81
N ARG A 186 1.39 14.97 -10.16
CA ARG A 186 1.59 13.84 -11.05
C ARG A 186 2.93 13.13 -10.79
N ASN A 187 4.02 13.92 -10.56
CA ASN A 187 5.38 13.49 -10.25
C ASN A 187 5.65 13.18 -8.77
N ILE A 188 4.61 13.24 -7.93
CA ILE A 188 4.72 12.85 -6.53
C ILE A 188 4.06 11.46 -6.45
N LEU A 189 4.82 10.45 -6.07
CA LEU A 189 4.32 9.09 -6.06
C LEU A 189 4.14 8.61 -4.62
N LEU A 190 3.03 7.91 -4.35
CA LEU A 190 2.71 7.38 -3.03
C LEU A 190 3.19 5.96 -2.79
N ALA A 191 4.28 5.82 -2.02
CA ALA A 191 4.82 4.50 -1.63
C ALA A 191 3.86 3.88 -0.63
N ARG A 192 3.52 4.67 0.43
CA ARG A 192 2.59 4.34 1.50
C ARG A 192 1.49 5.38 1.55
N LEU A 193 0.25 4.96 1.65
CA LEU A 193 -0.91 5.88 1.68
C LEU A 193 -1.13 6.55 3.05
N GLY A 194 -0.63 5.93 4.12
CA GLY A 194 -0.76 6.43 5.48
C GLY A 194 -2.20 6.66 5.87
N LEU A 195 -3.08 5.69 5.54
CA LEU A 195 -4.53 5.64 5.80
C LEU A 195 -4.85 4.97 7.16
N ALA A 196 -4.10 3.93 7.55
CA ALA A 196 -4.31 3.28 8.85
C ALA A 196 -3.91 4.24 10.02
N GLU A 197 -4.36 3.94 11.27
CA GLU A 197 -4.02 4.76 12.45
C GLU A 197 -2.58 4.53 12.82
N GLY A 198 -1.87 5.64 13.03
CA GLY A 198 -0.48 5.61 13.47
C GLY A 198 0.49 5.38 12.33
N THR A 199 -0.01 5.58 11.08
CA THR A 199 0.77 5.53 9.85
C THR A 199 0.64 6.85 9.11
N SER A 200 1.78 7.30 8.57
CA SER A 200 1.96 8.49 7.77
C SER A 200 2.11 8.13 6.26
N PRO A 201 1.75 9.04 5.31
CA PRO A 201 2.00 8.73 3.92
C PRO A 201 3.51 8.76 3.68
N PHE A 202 3.96 8.13 2.59
CA PHE A 202 5.37 8.13 2.23
C PHE A 202 5.43 8.39 0.74
N ILE A 203 5.92 9.57 0.36
CA ILE A 203 6.06 9.97 -1.03
C ILE A 203 7.50 9.76 -1.55
N LYS A 204 7.62 9.64 -2.87
CA LYS A 204 8.86 9.56 -3.61
C LYS A 204 8.69 10.45 -4.85
N LEU A 205 9.47 11.54 -4.96
CA LEU A 205 9.43 12.46 -6.09
C LEU A 205 10.07 11.79 -7.31
N SER A 206 9.27 11.64 -8.39
CA SER A 206 9.61 11.05 -9.67
C SER A 206 10.72 11.83 -10.38
N ASP A 207 11.26 11.27 -11.48
CA ASP A 207 12.25 11.94 -12.32
C ASP A 207 11.49 13.05 -13.08
N PRO A 208 12.15 14.16 -13.43
CA PRO A 208 11.44 15.23 -14.16
C PRO A 208 11.08 14.92 -15.61
N GLY A 209 11.47 13.75 -16.13
CA GLY A 209 11.20 13.36 -17.51
C GLY A 209 12.06 14.10 -18.48
N VAL A 210 11.59 14.30 -19.71
CA VAL A 210 12.32 15.10 -20.71
C VAL A 210 12.50 16.48 -20.08
N GLY A 211 13.76 16.89 -19.90
CA GLY A 211 14.13 18.17 -19.33
C GLY A 211 13.45 19.35 -20.01
N LEU A 212 13.05 20.34 -19.20
CA LEU A 212 12.32 21.54 -19.61
C LEU A 212 12.92 22.29 -20.81
N GLY A 213 14.24 22.43 -20.84
CA GLY A 213 14.94 23.15 -21.90
C GLY A 213 14.69 22.65 -23.31
N ALA A 214 14.36 21.36 -23.46
CA ALA A 214 14.10 20.72 -24.76
C ALA A 214 12.65 20.90 -25.24
N LEU A 215 11.76 21.36 -24.33
CA LEU A 215 10.33 21.51 -24.62
C LEU A 215 9.99 22.77 -25.42
N SER A 216 8.91 22.66 -26.24
CA SER A 216 8.32 23.73 -27.05
C SER A 216 7.53 24.70 -26.16
N ARG A 217 7.20 25.91 -26.67
CA ARG A 217 6.42 26.90 -25.91
C ARG A 217 5.06 26.32 -25.56
N GLU A 218 4.45 25.58 -26.51
CA GLU A 218 3.16 24.90 -26.38
C GLU A 218 3.16 23.98 -25.15
N GLU A 219 4.23 23.19 -24.97
CA GLU A 219 4.42 22.25 -23.86
C GLU A 219 4.69 22.94 -22.54
N ARG A 220 5.29 24.15 -22.57
CA ARG A 220 5.58 24.94 -21.37
C ARG A 220 4.28 25.61 -20.88
N VAL A 221 3.43 26.04 -21.81
CA VAL A 221 2.13 26.63 -21.49
C VAL A 221 1.26 25.54 -20.82
N GLU A 222 1.39 24.26 -21.25
CA GLU A 222 0.67 23.13 -20.66
C GLU A 222 1.07 22.86 -19.21
N ARG A 223 2.35 23.18 -18.82
CA ARG A 223 2.87 23.01 -17.45
C ARG A 223 2.43 24.11 -16.46
N ILE A 224 1.72 25.15 -16.95
CA ILE A 224 1.16 26.23 -16.11
C ILE A 224 -0.01 25.58 -15.36
N PRO A 225 -0.17 25.77 -14.04
CA PRO A 225 0.52 26.70 -13.11
C PRO A 225 1.79 26.21 -12.40
N TRP A 226 2.29 25.02 -12.71
CA TRP A 226 3.48 24.50 -12.04
C TRP A 226 4.77 25.10 -12.57
N LEU A 227 4.79 25.48 -13.86
CA LEU A 227 5.92 26.09 -14.58
C LEU A 227 6.15 27.48 -14.03
N ALA A 228 7.38 27.77 -13.57
CA ALA A 228 7.77 29.10 -13.07
C ALA A 228 7.64 30.14 -14.22
N PRO A 229 7.05 31.35 -14.00
CA PRO A 229 6.85 32.31 -15.11
C PRO A 229 8.10 32.67 -15.94
N GLU A 230 9.28 32.75 -15.29
CA GLU A 230 10.55 33.05 -15.95
C GLU A 230 10.92 32.05 -17.08
N CYS A 231 10.32 30.83 -17.04
CA CYS A 231 10.51 29.72 -17.99
C CYS A 231 9.58 29.81 -19.19
N LEU A 232 8.65 30.77 -19.23
CA LEU A 232 7.74 30.90 -20.35
C LEU A 232 8.45 31.53 -21.58
N PRO A 233 9.25 32.62 -21.48
CA PRO A 233 9.92 33.14 -22.69
C PRO A 233 10.94 32.19 -23.31
N SER A 240 17.84 27.61 -13.02
CA SER A 240 17.85 28.15 -11.65
C SER A 240 17.01 27.32 -10.68
N THR A 241 17.55 27.04 -9.46
CA THR A 241 16.87 26.25 -8.40
C THR A 241 15.68 27.03 -7.78
N ALA A 242 15.45 28.29 -8.23
CA ALA A 242 14.31 29.14 -7.85
C ALA A 242 13.03 28.68 -8.55
N MET A 243 13.15 28.04 -9.73
CA MET A 243 11.98 27.54 -10.44
C MET A 243 11.30 26.39 -9.67
N ASP A 244 12.07 25.59 -8.87
CA ASP A 244 11.50 24.48 -8.07
C ASP A 244 10.72 25.01 -6.88
N LYS A 245 10.95 26.26 -6.47
CA LYS A 245 10.23 26.92 -5.38
C LYS A 245 8.82 27.27 -5.84
N TRP A 246 8.67 27.74 -7.10
CA TRP A 246 7.35 28.01 -7.71
C TRP A 246 6.57 26.68 -7.83
N GLY A 247 7.20 25.68 -8.47
CA GLY A 247 6.66 24.34 -8.68
C GLY A 247 6.14 23.78 -7.38
N PHE A 248 6.96 23.85 -6.30
CA PHE A 248 6.62 23.43 -4.93
C PHE A 248 5.37 24.18 -4.41
N GLY A 249 5.35 25.51 -4.57
CA GLY A 249 4.22 26.34 -4.18
C GLY A 249 2.93 25.96 -4.89
N ALA A 250 2.97 25.81 -6.23
CA ALA A 250 1.81 25.41 -7.03
C ALA A 250 1.34 23.97 -6.67
N THR A 251 2.27 23.11 -6.22
CA THR A 251 2.02 21.74 -5.77
C THR A 251 1.33 21.76 -4.39
N LEU A 252 1.68 22.70 -3.47
CA LEU A 252 0.94 22.78 -2.20
C LEU A 252 -0.51 23.13 -2.47
N LEU A 253 -0.78 24.08 -3.40
CA LEU A 253 -2.14 24.48 -3.79
C LEU A 253 -2.92 23.28 -4.32
N GLU A 254 -2.34 22.51 -5.26
CA GLU A 254 -2.93 21.30 -5.83
C GLU A 254 -3.29 20.31 -4.72
N ILE A 255 -2.35 20.07 -3.76
CA ILE A 255 -2.55 19.17 -2.61
C ILE A 255 -3.72 19.68 -1.76
N CYS A 256 -3.74 20.99 -1.50
CA CYS A 256 -4.79 21.64 -0.72
C CYS A 256 -6.17 21.52 -1.37
N PHE A 257 -6.25 21.73 -2.70
CA PHE A 257 -7.47 21.65 -3.50
C PHE A 257 -7.78 20.23 -3.98
N ASP A 258 -7.35 19.21 -3.21
CA ASP A 258 -7.54 17.75 -3.39
C ASP A 258 -7.29 17.23 -4.83
N GLY A 259 -6.09 17.52 -5.35
CA GLY A 259 -5.69 17.07 -6.68
C GLY A 259 -6.18 17.92 -7.82
N GLU A 260 -6.92 19.01 -7.51
CA GLU A 260 -7.41 19.95 -8.52
C GLU A 260 -6.43 21.11 -8.65
N ALA A 261 -5.92 21.35 -9.85
CA ALA A 261 -4.96 22.42 -10.10
C ALA A 261 -5.61 23.79 -10.27
N PRO A 262 -4.98 24.87 -9.76
CA PRO A 262 -5.52 26.23 -10.00
C PRO A 262 -5.15 26.65 -11.41
N LEU A 263 -6.08 26.45 -12.40
CA LEU A 263 -6.01 26.68 -13.86
C LEU A 263 -5.84 25.36 -14.61
N SER A 267 -7.84 26.84 -20.67
CA SER A 267 -7.41 26.72 -22.07
C SER A 267 -6.00 27.32 -22.29
N PRO A 268 -5.20 26.86 -23.29
CA PRO A 268 -3.83 27.38 -23.45
C PRO A 268 -3.70 28.90 -23.45
N SER A 269 -4.50 29.62 -24.30
CA SER A 269 -4.45 31.09 -24.36
C SER A 269 -4.74 31.71 -22.99
N GLU A 270 -5.78 31.19 -22.27
CA GLU A 270 -6.18 31.66 -20.93
C GLU A 270 -5.01 31.59 -19.93
N LYS A 271 -4.24 30.46 -19.95
CA LYS A 271 -3.09 30.20 -19.08
C LYS A 271 -1.92 31.10 -19.37
N GLU A 272 -1.60 31.32 -20.66
CA GLU A 272 -0.49 32.18 -21.11
C GLU A 272 -0.78 33.63 -20.70
N HIS A 273 -2.02 34.09 -20.96
CA HIS A 273 -2.52 35.43 -20.62
C HIS A 273 -2.46 35.69 -19.11
N PHE A 274 -2.71 34.65 -18.28
CA PHE A 274 -2.63 34.70 -16.81
C PHE A 274 -1.21 35.09 -16.36
N TYR A 275 -0.17 34.45 -16.97
CA TYR A 275 1.24 34.71 -16.66
C TYR A 275 1.71 36.04 -17.26
N GLN A 276 1.33 36.30 -18.51
CA GLN A 276 1.67 37.54 -19.23
C GLN A 276 1.13 38.76 -18.47
N ARG A 277 -0.11 38.67 -17.94
CA ARG A 277 -0.73 39.73 -17.16
C ARG A 277 -0.22 39.78 -15.69
N GLN A 278 0.68 38.84 -15.32
CA GLN A 278 1.36 38.74 -14.03
C GLN A 278 0.41 38.50 -12.81
N HIS A 279 -0.77 37.88 -13.10
CA HIS A 279 -1.81 37.52 -12.15
C HIS A 279 -1.31 36.43 -11.23
N ARG A 280 -1.85 36.38 -10.00
CA ARG A 280 -1.40 35.38 -9.05
C ARG A 280 -2.41 34.27 -8.81
N LEU A 281 -1.87 33.11 -8.46
CA LEU A 281 -2.63 31.90 -8.20
C LEU A 281 -3.45 32.06 -6.91
N PRO A 282 -4.57 31.31 -6.76
CA PRO A 282 -5.39 31.45 -5.54
C PRO A 282 -4.66 31.17 -4.24
N GLU A 283 -5.32 31.49 -3.14
CA GLU A 283 -4.81 31.27 -1.80
C GLU A 283 -5.22 29.84 -1.42
N PRO A 284 -4.45 29.11 -0.58
CA PRO A 284 -4.85 27.73 -0.27
C PRO A 284 -6.12 27.68 0.58
N SER A 285 -6.82 26.52 0.56
CA SER A 285 -8.02 26.27 1.36
C SER A 285 -7.65 26.22 2.86
N CYS A 286 -6.39 25.84 3.17
CA CYS A 286 -5.84 25.79 4.52
C CYS A 286 -4.99 27.06 4.82
N PRO A 287 -5.22 27.75 5.97
CA PRO A 287 -4.46 28.99 6.24
C PRO A 287 -3.00 28.79 6.65
N GLN A 288 -2.66 27.56 7.11
CA GLN A 288 -1.32 27.19 7.55
C GLN A 288 -0.27 27.41 6.44
N LEU A 289 -0.63 27.05 5.19
CA LEU A 289 0.25 27.15 4.03
C LEU A 289 0.16 28.48 3.23
N ALA A 290 -0.73 29.41 3.63
CA ALA A 290 -0.98 30.67 2.94
C ALA A 290 0.21 31.62 2.77
N THR A 291 1.03 31.82 3.83
CA THR A 291 2.20 32.72 3.78
C THR A 291 3.26 32.12 2.87
N LEU A 292 3.54 30.82 3.06
CA LEU A 292 4.50 30.01 2.34
C LEU A 292 4.24 30.06 0.83
N THR A 293 2.99 29.70 0.38
CA THR A 293 2.56 29.70 -1.03
C THR A 293 2.72 31.08 -1.64
N SER A 294 2.32 32.13 -0.89
CA SER A 294 2.48 33.53 -1.32
C SER A 294 3.97 33.85 -1.55
N GLN A 295 4.87 33.40 -0.65
CA GLN A 295 6.31 33.61 -0.78
C GLN A 295 6.90 32.83 -1.99
N CYS A 296 6.43 31.58 -2.20
CA CYS A 296 6.88 30.70 -3.27
C CYS A 296 6.39 31.09 -4.64
N LEU A 297 5.17 31.64 -4.72
CA LEU A 297 4.55 31.94 -6.00
C LEU A 297 4.62 33.44 -6.37
N THR A 298 5.79 34.04 -6.09
CA THR A 298 6.12 35.39 -6.50
C THR A 298 6.79 35.31 -7.89
N TYR A 299 6.53 36.32 -8.73
CA TYR A 299 7.08 36.42 -10.08
C TYR A 299 8.58 36.79 -10.05
N GLU A 300 9.09 37.31 -8.90
CA GLU A 300 10.52 37.59 -8.72
C GLU A 300 11.24 36.33 -8.19
N PRO A 301 12.00 35.62 -9.06
CA PRO A 301 12.67 34.38 -8.62
C PRO A 301 13.58 34.50 -7.41
N THR A 302 14.26 35.64 -7.27
CA THR A 302 15.23 35.92 -6.20
C THR A 302 14.59 36.09 -4.81
N GLN A 303 13.28 36.42 -4.77
CA GLN A 303 12.54 36.64 -3.52
C GLN A 303 11.94 35.38 -2.92
N ARG A 304 11.99 34.24 -3.66
CA ARG A 304 11.41 32.98 -3.19
C ARG A 304 12.28 32.43 -2.08
N PRO A 305 11.68 31.92 -0.97
CA PRO A 305 12.51 31.40 0.14
C PRO A 305 13.27 30.14 -0.23
N SER A 306 14.37 29.84 0.49
CA SER A 306 15.11 28.60 0.23
C SER A 306 14.32 27.44 0.84
N PHE A 307 14.58 26.18 0.38
CA PHE A 307 13.90 25.01 0.94
C PHE A 307 14.37 24.76 2.37
N ARG A 308 15.58 25.29 2.73
CA ARG A 308 16.16 25.26 4.07
C ARG A 308 15.17 25.99 5.02
N THR A 309 14.73 27.19 4.59
CA THR A 309 13.77 28.05 5.27
C THR A 309 12.40 27.36 5.28
N ILE A 310 11.89 26.97 4.07
CA ILE A 310 10.61 26.26 3.86
C ILE A 310 10.49 25.05 4.79
N LEU A 311 11.53 24.18 4.82
CA LEU A 311 11.58 22.97 5.66
C LEU A 311 11.51 23.32 7.16
N ARG A 312 12.22 24.38 7.60
CA ARG A 312 12.20 24.87 8.99
C ARG A 312 10.81 25.37 9.34
N ASP A 313 10.27 26.29 8.52
CA ASP A 313 8.93 26.86 8.65
C ASP A 313 7.80 25.81 8.64
N LEU A 314 7.93 24.69 7.90
CA LEU A 314 6.92 23.61 7.86
C LEU A 314 6.87 22.82 9.18
N SER B 28 -21.50 -7.58 24.56
CA SER B 28 -21.35 -8.05 23.20
C SER B 28 -20.58 -7.03 22.34
N PHE B 29 -21.21 -6.48 21.29
CA PHE B 29 -20.62 -5.55 20.31
C PHE B 29 -21.41 -4.25 20.15
N HIS B 30 -20.77 -3.21 19.62
CA HIS B 30 -21.37 -1.91 19.32
C HIS B 30 -22.17 -1.92 17.99
N ARG B 31 -23.28 -1.18 17.95
CA ARG B 31 -24.07 -1.04 16.73
C ARG B 31 -23.71 0.20 15.97
N VAL B 32 -23.43 0.03 14.70
CA VAL B 32 -23.05 1.09 13.78
C VAL B 32 -24.25 1.35 12.87
N ASP B 33 -24.54 2.64 12.62
CA ASP B 33 -25.62 3.06 11.72
C ASP B 33 -25.03 3.21 10.32
N GLN B 34 -25.82 2.92 9.27
CA GLN B 34 -25.39 3.06 7.87
C GLN B 34 -24.99 4.50 7.53
N LYS B 35 -25.51 5.48 8.30
CA LYS B 35 -25.23 6.89 8.12
C LYS B 35 -23.79 7.19 8.52
N GLU B 36 -23.19 6.32 9.37
CA GLU B 36 -21.82 6.47 9.88
C GLU B 36 -20.75 5.77 9.01
N ILE B 37 -21.16 4.93 8.04
CA ILE B 37 -20.20 4.20 7.20
C ILE B 37 -20.31 4.57 5.70
N THR B 38 -19.15 4.66 5.04
CA THR B 38 -19.01 4.92 3.62
C THR B 38 -18.32 3.69 3.03
N GLN B 39 -19.00 2.98 2.09
CA GLN B 39 -18.46 1.77 1.47
C GLN B 39 -17.73 2.14 0.20
N LEU B 40 -16.42 1.82 0.21
CA LEU B 40 -15.46 2.07 -0.85
C LEU B 40 -15.20 0.79 -1.72
N SER B 41 -14.02 0.68 -2.30
CA SER B 41 -13.67 -0.38 -3.21
C SER B 41 -13.60 -1.78 -2.58
N HIS B 42 -13.98 -2.82 -3.38
CA HIS B 42 -13.93 -4.23 -3.03
C HIS B 42 -12.47 -4.68 -2.86
N LEU B 43 -12.16 -5.39 -1.74
CA LEU B 43 -10.81 -5.88 -1.45
C LEU B 43 -10.66 -7.37 -1.73
N GLY B 44 -11.75 -8.10 -1.60
CA GLY B 44 -11.76 -9.55 -1.84
C GLY B 44 -12.98 -10.19 -1.25
N GLN B 45 -12.97 -11.50 -1.12
CA GLN B 45 -14.07 -12.25 -0.53
C GLN B 45 -13.59 -13.10 0.64
N GLY B 46 -14.48 -13.34 1.59
CA GLY B 46 -14.29 -14.23 2.73
C GLY B 46 -15.34 -15.32 2.62
N THR B 47 -15.45 -16.21 3.63
CA THR B 47 -16.49 -17.23 3.59
C THR B 47 -17.82 -16.50 3.85
N ARG B 48 -18.69 -16.52 2.83
CA ARG B 48 -20.03 -15.89 2.79
C ARG B 48 -19.97 -14.38 2.89
N THR B 49 -18.80 -13.77 2.59
CA THR B 49 -18.63 -12.31 2.69
C THR B 49 -17.90 -11.69 1.52
N ASN B 50 -18.11 -10.40 1.35
CA ASN B 50 -17.40 -9.55 0.39
C ASN B 50 -16.77 -8.47 1.23
N VAL B 51 -15.45 -8.37 1.15
CA VAL B 51 -14.65 -7.44 1.94
C VAL B 51 -14.44 -6.17 1.15
N TYR B 52 -14.81 -5.02 1.74
CA TYR B 52 -14.65 -3.69 1.13
C TYR B 52 -13.83 -2.75 2.01
N GLU B 53 -13.17 -1.80 1.40
CA GLU B 53 -12.50 -0.73 2.10
C GLU B 53 -13.65 0.23 2.40
N GLY B 54 -13.55 0.98 3.48
CA GLY B 54 -14.58 1.96 3.80
C GLY B 54 -14.08 3.04 4.72
N ARG B 55 -15.03 3.87 5.19
CA ARG B 55 -14.80 4.94 6.16
C ARG B 55 -15.89 4.92 7.24
N LEU B 56 -15.49 5.22 8.47
CA LEU B 56 -16.37 5.28 9.63
C LEU B 56 -16.19 6.67 10.26
N ARG B 57 -17.30 7.45 10.40
CA ARG B 57 -17.29 8.81 10.97
C ARG B 57 -16.79 8.84 12.41
N GLU B 84 -13.34 10.87 10.88
CA GLU B 84 -13.26 9.80 9.87
C GLU B 84 -12.04 8.90 10.01
N LEU B 85 -12.33 7.62 10.17
CA LEU B 85 -11.38 6.54 10.37
C LEU B 85 -11.52 5.55 9.18
N ARG B 86 -10.39 5.15 8.54
CA ARG B 86 -10.44 4.18 7.43
C ARG B 86 -10.70 2.78 8.05
N VAL B 87 -11.73 2.09 7.55
CA VAL B 87 -12.12 0.77 8.05
C VAL B 87 -12.15 -0.22 6.91
N VAL B 88 -12.46 -1.46 7.25
CA VAL B 88 -12.65 -2.59 6.34
C VAL B 88 -14.05 -3.10 6.69
N LEU B 89 -14.97 -3.09 5.71
CA LEU B 89 -16.33 -3.57 5.85
C LEU B 89 -16.42 -5.03 5.33
N LYS B 90 -16.88 -5.99 6.18
CA LYS B 90 -17.08 -7.41 5.81
C LYS B 90 -18.58 -7.65 5.69
N VAL B 91 -19.07 -7.62 4.43
CA VAL B 91 -20.49 -7.68 4.12
C VAL B 91 -21.00 -9.14 4.00
N LEU B 92 -21.72 -9.62 5.00
CA LEU B 92 -22.28 -10.96 4.99
C LEU B 92 -23.36 -11.06 3.91
N ASP B 93 -23.39 -12.21 3.22
CA ASP B 93 -24.34 -12.52 2.15
C ASP B 93 -25.74 -12.60 2.75
N PRO B 94 -26.85 -12.44 1.96
CA PRO B 94 -28.18 -12.64 2.56
C PRO B 94 -28.19 -14.07 3.11
N SER B 95 -28.33 -14.18 4.43
CA SER B 95 -28.20 -15.40 5.23
C SER B 95 -29.36 -15.66 6.15
N HIS B 96 -29.49 -16.92 6.57
CA HIS B 96 -30.44 -17.39 7.55
C HIS B 96 -29.91 -17.05 8.94
N HIS B 97 -30.81 -16.77 9.89
CA HIS B 97 -30.52 -16.35 11.28
C HIS B 97 -29.38 -17.09 11.97
N ASP B 98 -29.23 -18.41 11.74
CA ASP B 98 -28.15 -19.19 12.34
C ASP B 98 -26.77 -18.80 11.77
N ILE B 99 -26.72 -18.45 10.48
CA ILE B 99 -25.49 -17.97 9.83
C ILE B 99 -25.13 -16.57 10.38
N ALA B 100 -26.11 -15.64 10.38
CA ALA B 100 -25.97 -14.29 10.92
C ALA B 100 -25.60 -14.33 12.40
N LEU B 101 -26.14 -15.32 13.18
CA LEU B 101 -25.78 -15.53 14.58
C LEU B 101 -24.30 -15.85 14.75
N ALA B 102 -23.73 -16.70 13.87
CA ALA B 102 -22.32 -17.07 13.90
C ALA B 102 -21.40 -15.89 13.55
N PHE B 103 -21.91 -14.96 12.72
CA PHE B 103 -21.22 -13.73 12.33
C PHE B 103 -21.24 -12.80 13.54
N TYR B 104 -22.39 -12.71 14.26
CA TYR B 104 -22.54 -11.90 15.47
C TYR B 104 -21.67 -12.42 16.59
N GLU B 105 -21.60 -13.75 16.75
CA GLU B 105 -20.74 -14.41 17.75
C GLU B 105 -19.29 -14.00 17.57
N THR B 106 -18.84 -13.84 16.30
CA THR B 106 -17.50 -13.40 15.91
C THR B 106 -17.29 -11.92 16.23
N ALA B 107 -18.30 -11.06 16.02
CA ALA B 107 -18.21 -9.62 16.34
C ALA B 107 -18.13 -9.45 17.85
N SER B 108 -18.86 -10.29 18.59
CA SER B 108 -18.91 -10.31 20.04
C SER B 108 -17.54 -10.70 20.60
N LEU B 109 -17.02 -11.88 20.22
CA LEU B 109 -15.71 -12.40 20.63
C LEU B 109 -14.62 -11.35 20.42
N MET B 110 -14.51 -10.83 19.19
CA MET B 110 -13.50 -9.86 18.79
C MET B 110 -13.67 -8.47 19.40
N SER B 111 -14.88 -8.14 19.92
CA SER B 111 -15.15 -6.87 20.59
C SER B 111 -14.76 -6.93 22.08
N GLN B 112 -14.78 -8.14 22.68
CA GLN B 112 -14.45 -8.43 24.09
C GLN B 112 -12.98 -8.78 24.32
N VAL B 113 -12.20 -8.83 23.23
CA VAL B 113 -10.76 -9.11 23.32
C VAL B 113 -9.98 -7.84 23.01
N SER B 114 -8.73 -7.80 23.47
CA SER B 114 -7.81 -6.70 23.24
C SER B 114 -6.40 -7.27 23.31
N HIS B 115 -5.72 -7.27 22.16
CA HIS B 115 -4.35 -7.73 21.97
C HIS B 115 -3.74 -6.98 20.81
N THR B 116 -2.43 -6.64 20.89
CA THR B 116 -1.75 -5.87 19.82
C THR B 116 -1.81 -6.62 18.48
N HIS B 117 -1.74 -7.96 18.53
CA HIS B 117 -1.74 -8.79 17.32
C HIS B 117 -3.08 -9.38 16.97
N LEU B 118 -4.17 -8.68 17.32
CA LEU B 118 -5.56 -9.01 17.01
C LEU B 118 -6.22 -7.77 16.44
N ALA B 119 -6.88 -7.90 15.27
CA ALA B 119 -7.48 -6.72 14.62
C ALA B 119 -8.74 -6.30 15.32
N PHE B 120 -8.86 -5.00 15.48
CA PHE B 120 -9.99 -4.37 16.14
C PHE B 120 -11.31 -4.51 15.36
N VAL B 121 -12.42 -4.67 16.11
CA VAL B 121 -13.78 -4.70 15.58
C VAL B 121 -14.50 -3.48 16.16
N HIS B 122 -14.88 -2.54 15.28
CA HIS B 122 -15.56 -1.30 15.65
C HIS B 122 -17.02 -1.53 16.00
N GLY B 123 -17.61 -2.59 15.45
CA GLY B 123 -19.01 -2.94 15.66
C GLY B 123 -19.64 -3.66 14.49
N VAL B 124 -20.99 -3.64 14.44
CA VAL B 124 -21.80 -4.29 13.41
C VAL B 124 -22.91 -3.35 12.96
N CYS B 125 -23.11 -3.31 11.63
CA CYS B 125 -24.14 -2.56 10.92
C CYS B 125 -25.16 -3.54 10.25
N VAL B 126 -26.45 -3.17 10.23
CA VAL B 126 -27.48 -3.94 9.56
C VAL B 126 -28.11 -3.02 8.50
N ARG B 127 -27.82 -3.31 7.21
CA ARG B 127 -28.22 -2.56 6.00
C ARG B 127 -29.13 -3.46 5.21
N GLY B 128 -30.44 -3.33 5.44
CA GLY B 128 -31.42 -4.19 4.79
C GLY B 128 -31.18 -5.66 5.09
N PRO B 129 -30.88 -6.49 4.06
CA PRO B 129 -30.63 -7.91 4.33
C PRO B 129 -29.17 -8.24 4.69
N GLU B 130 -28.28 -7.23 4.56
CA GLU B 130 -26.84 -7.27 4.79
C GLU B 130 -26.45 -6.97 6.27
N ASN B 131 -25.50 -7.71 6.74
CA ASN B 131 -24.87 -7.63 8.05
C ASN B 131 -23.46 -7.25 7.74
N ILE B 132 -23.07 -6.06 8.13
CA ILE B 132 -21.73 -5.56 7.86
C ILE B 132 -20.98 -5.59 9.16
N MET B 133 -19.75 -6.12 9.13
CA MET B 133 -18.89 -6.08 10.30
C MET B 133 -17.89 -4.97 10.05
N VAL B 134 -17.90 -3.95 10.92
CA VAL B 134 -16.97 -2.83 10.77
C VAL B 134 -15.72 -3.17 11.55
N THR B 135 -14.62 -3.48 10.83
CA THR B 135 -13.36 -3.90 11.44
C THR B 135 -12.18 -3.01 11.01
N GLU B 136 -11.03 -3.20 11.68
CA GLU B 136 -9.76 -2.51 11.46
C GLU B 136 -9.26 -2.56 10.01
N TYR B 137 -8.73 -1.42 9.52
CA TYR B 137 -8.05 -1.31 8.25
C TYR B 137 -6.57 -1.42 8.65
N VAL B 138 -5.85 -2.30 7.95
CA VAL B 138 -4.44 -2.60 8.17
C VAL B 138 -3.76 -2.30 6.80
N GLU B 139 -2.69 -1.43 6.81
CA GLU B 139 -2.02 -0.94 5.62
C GLU B 139 -1.70 -1.95 4.51
N HIS B 140 -1.07 -3.09 4.81
CA HIS B 140 -0.56 -3.97 3.75
C HIS B 140 -1.35 -5.22 3.48
N GLY B 141 -2.56 -5.31 4.04
CA GLY B 141 -3.48 -6.42 3.82
C GLY B 141 -3.02 -7.82 4.17
N PRO B 142 -3.71 -8.85 3.57
CA PRO B 142 -3.35 -10.27 3.81
C PRO B 142 -1.89 -10.67 3.55
N LEU B 143 -1.36 -11.56 4.42
CA LEU B 143 0.01 -12.03 4.41
C LEU B 143 0.36 -12.95 3.23
N ASP B 144 -0.52 -13.92 2.90
CA ASP B 144 -0.32 -14.90 1.84
C ASP B 144 -0.13 -14.19 0.50
N VAL B 145 -0.98 -13.20 0.23
CA VAL B 145 -0.98 -12.41 -1.01
C VAL B 145 0.41 -11.79 -1.19
N TRP B 146 0.92 -11.21 -0.11
CA TRP B 146 2.20 -10.54 -0.02
C TRP B 146 3.42 -11.46 -0.20
N LEU B 147 3.45 -12.59 0.56
CA LEU B 147 4.49 -13.60 0.50
C LEU B 147 4.62 -14.18 -0.92
N ARG B 148 3.49 -14.32 -1.65
CA ARG B 148 3.46 -14.81 -3.02
C ARG B 148 4.13 -13.82 -3.95
N ARG B 149 3.82 -12.49 -3.79
CA ARG B 149 4.39 -11.37 -4.56
C ARG B 149 5.91 -11.29 -4.35
N GLU B 150 6.37 -11.56 -3.10
CA GLU B 150 7.76 -11.46 -2.66
C GLU B 150 8.53 -12.80 -2.53
N ARG B 151 8.04 -13.90 -3.17
CA ARG B 151 8.63 -15.26 -3.13
C ARG B 151 10.11 -15.24 -3.44
N GLY B 152 10.89 -15.93 -2.61
CA GLY B 152 12.34 -16.02 -2.71
C GLY B 152 13.06 -14.78 -2.21
N HIS B 153 12.32 -13.78 -1.74
CA HIS B 153 12.92 -12.54 -1.23
C HIS B 153 12.51 -12.26 0.20
N VAL B 154 11.97 -13.28 0.92
CA VAL B 154 11.54 -13.14 2.30
C VAL B 154 12.51 -13.89 3.25
N PRO B 155 13.31 -13.15 4.06
CA PRO B 155 14.26 -13.81 4.98
C PRO B 155 13.61 -14.68 6.04
N MET B 156 14.33 -15.73 6.50
CA MET B 156 13.84 -16.67 7.51
C MET B 156 13.64 -15.98 8.89
N ALA B 157 14.45 -14.94 9.21
CA ALA B 157 14.36 -14.20 10.47
C ALA B 157 13.07 -13.38 10.52
N TRP B 158 12.58 -12.95 9.35
CA TRP B 158 11.34 -12.19 9.15
C TRP B 158 10.15 -13.11 9.46
N LYS B 159 10.16 -14.30 8.85
CA LYS B 159 9.15 -15.34 9.07
C LYS B 159 9.06 -15.73 10.54
N MET B 160 10.22 -15.76 11.25
CA MET B 160 10.30 -16.06 12.69
C MET B 160 9.56 -15.05 13.55
N VAL B 161 9.68 -13.73 13.27
CA VAL B 161 8.94 -12.66 13.96
C VAL B 161 7.40 -12.88 13.82
N VAL B 162 6.89 -13.03 12.57
CA VAL B 162 5.50 -13.31 12.22
C VAL B 162 4.95 -14.53 13.00
N ALA B 163 5.72 -15.63 13.05
CA ALA B 163 5.38 -16.85 13.82
C ALA B 163 5.17 -16.52 15.30
N GLN B 164 6.12 -15.78 15.92
CA GLN B 164 6.09 -15.36 17.32
C GLN B 164 4.92 -14.43 17.61
N GLN B 165 4.67 -13.49 16.71
CA GLN B 165 3.59 -12.54 16.87
C GLN B 165 2.27 -13.29 16.77
N LEU B 166 2.13 -14.20 15.78
CA LEU B 166 0.94 -15.06 15.62
C LEU B 166 0.73 -15.95 16.86
N ALA B 167 1.79 -16.59 17.37
CA ALA B 167 1.72 -17.41 18.56
C ALA B 167 1.38 -16.60 19.86
N SER B 168 1.84 -15.34 20.02
CA SER B 168 1.53 -14.43 21.15
C SER B 168 0.01 -14.19 21.21
N ALA B 169 -0.60 -13.83 20.04
CA ALA B 169 -2.03 -13.56 19.82
C ALA B 169 -2.85 -14.80 20.18
N LEU B 170 -2.40 -15.96 19.70
CA LEU B 170 -3.05 -17.24 19.94
C LEU B 170 -2.90 -17.76 21.37
N SER B 171 -1.78 -17.40 22.06
CA SER B 171 -1.52 -17.75 23.46
C SER B 171 -2.47 -16.96 24.36
N TYR B 172 -2.76 -15.70 23.99
CA TYR B 172 -3.69 -14.81 24.68
C TYR B 172 -5.10 -15.42 24.63
N LEU B 173 -5.52 -15.93 23.45
CA LEU B 173 -6.84 -16.54 23.26
C LEU B 173 -6.92 -17.83 24.06
N GLU B 174 -5.84 -18.62 24.02
CA GLU B 174 -5.69 -19.89 24.75
C GLU B 174 -5.88 -19.69 26.27
N ASN B 175 -5.23 -18.67 26.85
CA ASN B 175 -5.32 -18.32 28.26
C ASN B 175 -6.75 -17.97 28.68
N LYS B 176 -7.58 -17.48 27.74
CA LYS B 176 -8.96 -17.11 27.99
C LYS B 176 -9.89 -18.22 27.51
N ASN B 177 -9.33 -19.37 27.12
CA ASN B 177 -10.08 -20.53 26.59
C ASN B 177 -11.06 -20.12 25.47
N LEU B 178 -10.58 -19.26 24.57
CA LEU B 178 -11.30 -18.75 23.41
C LEU B 178 -10.66 -19.33 22.17
N VAL B 179 -11.48 -19.71 21.16
CA VAL B 179 -11.03 -20.29 19.88
C VAL B 179 -11.18 -19.31 18.72
N HIS B 180 -10.19 -19.30 17.83
CA HIS B 180 -10.25 -18.50 16.62
C HIS B 180 -11.05 -19.28 15.54
N GLY B 181 -10.57 -20.48 15.18
CA GLY B 181 -11.22 -21.37 14.22
C GLY B 181 -10.91 -21.14 12.74
N ASN B 182 -10.14 -20.05 12.43
CA ASN B 182 -9.76 -19.74 11.06
C ASN B 182 -8.36 -19.11 10.97
N VAL B 183 -7.34 -19.80 11.50
CA VAL B 183 -5.96 -19.29 11.43
C VAL B 183 -5.38 -19.78 10.08
N CYS B 184 -5.11 -18.83 9.18
CA CYS B 184 -4.52 -19.03 7.86
C CYS B 184 -3.85 -17.74 7.44
N GLY B 185 -2.97 -17.78 6.44
CA GLY B 185 -2.24 -16.62 5.96
C GLY B 185 -3.14 -15.45 5.61
N ARG B 186 -4.25 -15.75 4.90
CA ARG B 186 -5.28 -14.81 4.47
C ARG B 186 -5.73 -13.91 5.64
N ASN B 187 -5.95 -14.52 6.82
CA ASN B 187 -6.37 -13.87 8.09
C ASN B 187 -5.23 -13.26 8.91
N ILE B 188 -3.98 -13.28 8.38
CA ILE B 188 -2.86 -12.60 9.00
C ILE B 188 -2.67 -11.31 8.18
N LEU B 189 -2.84 -10.16 8.85
CA LEU B 189 -2.77 -8.86 8.18
C LEU B 189 -1.49 -8.14 8.53
N LEU B 190 -0.79 -7.53 7.55
CA LEU B 190 0.44 -6.80 7.84
C LEU B 190 0.17 -5.33 8.07
N ALA B 191 0.39 -4.89 9.31
CA ALA B 191 0.26 -3.50 9.71
C ALA B 191 1.55 -2.78 9.31
N ARG B 192 2.69 -3.47 9.39
CA ARG B 192 4.03 -3.00 8.99
C ARG B 192 4.74 -4.13 8.21
N LEU B 193 5.35 -3.80 7.06
CA LEU B 193 6.09 -4.76 6.22
C LEU B 193 7.39 -5.23 6.84
N GLY B 194 8.24 -4.27 7.21
CA GLY B 194 9.55 -4.46 7.84
C GLY B 194 10.65 -5.19 7.08
N LEU B 195 11.17 -4.60 5.95
CA LEU B 195 12.29 -5.21 5.18
C LEU B 195 13.50 -4.28 5.03
N SER B 200 11.36 -4.66 11.66
CA SER B 200 10.85 -6.00 11.27
C SER B 200 9.28 -5.98 11.04
N PRO B 201 8.54 -7.10 10.78
CA PRO B 201 7.10 -6.98 10.47
C PRO B 201 6.13 -6.81 11.65
N PHE B 202 4.92 -6.29 11.42
CA PHE B 202 3.93 -6.23 12.47
C PHE B 202 2.60 -6.77 11.94
N ILE B 203 2.21 -7.94 12.44
CA ILE B 203 0.97 -8.59 12.03
C ILE B 203 -0.20 -8.33 13.00
N LYS B 204 -1.41 -8.52 12.50
CA LYS B 204 -2.66 -8.44 13.23
C LYS B 204 -3.53 -9.57 12.75
N LEU B 205 -3.86 -10.48 13.64
CA LEU B 205 -4.73 -11.60 13.28
C LEU B 205 -6.18 -11.10 13.17
N SER B 206 -6.74 -11.24 11.96
CA SER B 206 -8.10 -10.87 11.58
C SER B 206 -9.16 -11.62 12.39
N ASP B 207 -10.43 -11.19 12.28
CA ASP B 207 -11.55 -11.92 12.91
C ASP B 207 -11.74 -13.23 12.13
N PRO B 208 -12.22 -14.30 12.80
CA PRO B 208 -12.41 -15.56 12.07
C PRO B 208 -13.56 -15.59 11.04
N GLY B 209 -14.30 -14.51 10.91
CA GLY B 209 -15.45 -14.44 10.01
C GLY B 209 -16.63 -15.25 10.50
N VAL B 210 -17.48 -15.72 9.61
CA VAL B 210 -18.60 -16.60 9.98
C VAL B 210 -17.98 -17.80 10.70
N GLY B 211 -18.35 -17.99 11.96
CA GLY B 211 -17.86 -19.08 12.79
C GLY B 211 -17.99 -20.44 12.13
N LEU B 212 -16.97 -21.30 12.35
CA LEU B 212 -16.87 -22.65 11.76
C LEU B 212 -18.10 -23.54 11.93
N GLY B 213 -18.73 -23.49 13.10
CA GLY B 213 -19.91 -24.28 13.44
C GLY B 213 -21.10 -24.13 12.49
N ALA B 214 -21.21 -22.94 11.87
CA ALA B 214 -22.30 -22.62 10.95
C ALA B 214 -22.04 -23.08 9.51
N LEU B 215 -20.79 -23.47 9.20
CA LEU B 215 -20.37 -23.87 7.86
C LEU B 215 -20.75 -25.27 7.47
N SER B 216 -21.01 -25.46 6.15
CA SER B 216 -21.32 -26.73 5.48
C SER B 216 -20.05 -27.60 5.36
N ARG B 217 -20.20 -28.91 5.09
CA ARG B 217 -19.05 -29.82 4.91
C ARG B 217 -18.19 -29.34 3.73
N GLU B 218 -18.85 -28.87 2.66
CA GLU B 218 -18.23 -28.35 1.45
C GLU B 218 -17.25 -27.20 1.79
N GLU B 219 -17.68 -26.27 2.66
CA GLU B 219 -16.91 -25.11 3.12
C GLU B 219 -15.78 -25.49 4.05
N ARG B 220 -15.93 -26.61 4.81
CA ARG B 220 -14.90 -27.10 5.72
C ARG B 220 -13.81 -27.81 4.93
N VAL B 221 -14.19 -28.52 3.84
CA VAL B 221 -13.23 -29.17 2.94
C VAL B 221 -12.39 -28.09 2.26
N GLU B 222 -12.98 -26.92 1.95
CA GLU B 222 -12.26 -25.79 1.33
C GLU B 222 -11.19 -25.20 2.27
N ARG B 223 -11.38 -25.27 3.62
CA ARG B 223 -10.43 -24.78 4.64
C ARG B 223 -9.24 -25.71 4.89
N ILE B 224 -9.22 -26.91 4.25
CA ILE B 224 -8.10 -27.86 4.32
C ILE B 224 -6.98 -27.24 3.49
N PRO B 225 -5.71 -27.20 3.94
CA PRO B 225 -5.10 -27.85 5.13
C PRO B 225 -5.11 -27.08 6.47
N TRP B 226 -5.75 -25.92 6.53
CA TRP B 226 -5.75 -25.14 7.77
C TRP B 226 -6.74 -25.66 8.80
N LEU B 227 -7.85 -26.26 8.34
CA LEU B 227 -8.91 -26.85 9.15
C LEU B 227 -8.37 -28.07 9.87
N ALA B 228 -8.50 -28.13 11.20
CA ALA B 228 -8.07 -29.27 12.03
C ALA B 228 -8.92 -30.51 11.62
N PRO B 229 -8.30 -31.72 11.44
CA PRO B 229 -9.08 -32.90 10.97
C PRO B 229 -10.33 -33.25 11.77
N GLU B 230 -10.30 -33.07 13.10
CA GLU B 230 -11.43 -33.35 14.00
C GLU B 230 -12.70 -32.52 13.66
N CYS B 231 -12.54 -31.41 12.91
CA CYS B 231 -13.59 -30.50 12.45
C CYS B 231 -14.22 -30.93 11.13
N LEU B 232 -13.71 -31.99 10.49
CA LEU B 232 -14.27 -32.44 9.22
C LEU B 232 -15.58 -33.23 9.43
N SER B 240 -12.82 -26.61 20.60
CA SER B 240 -11.57 -26.88 21.33
C SER B 240 -10.44 -26.00 20.84
N THR B 241 -9.64 -25.45 21.81
CA THR B 241 -8.48 -24.58 21.57
C THR B 241 -7.38 -25.31 20.78
N ALA B 242 -7.45 -26.67 20.74
CA ALA B 242 -6.50 -27.55 20.05
C ALA B 242 -6.58 -27.38 18.53
N MET B 243 -7.75 -26.97 18.00
CA MET B 243 -7.89 -26.75 16.57
C MET B 243 -7.05 -25.56 16.07
N ASP B 244 -6.80 -24.54 16.94
CA ASP B 244 -5.97 -23.39 16.57
C ASP B 244 -4.50 -23.75 16.49
N LYS B 245 -4.09 -24.87 17.13
CA LYS B 245 -2.73 -25.37 17.09
C LYS B 245 -2.44 -25.97 15.71
N TRP B 246 -3.43 -26.69 15.11
CA TRP B 246 -3.31 -27.24 13.76
C TRP B 246 -3.23 -26.07 12.76
N GLY B 247 -4.19 -25.15 12.84
CA GLY B 247 -4.28 -23.95 12.00
C GLY B 247 -2.98 -23.20 12.00
N PHE B 248 -2.40 -22.96 13.20
CA PHE B 248 -1.09 -22.33 13.42
C PHE B 248 0.02 -23.10 12.70
N GLY B 249 0.07 -24.43 12.87
CA GLY B 249 1.03 -25.31 12.22
C GLY B 249 0.96 -25.22 10.72
N ALA B 250 -0.26 -25.35 10.12
CA ALA B 250 -0.47 -25.24 8.66
C ALA B 250 -0.10 -23.83 8.12
N THR B 251 -0.24 -22.80 8.97
CA THR B 251 0.10 -21.40 8.66
C THR B 251 1.62 -21.24 8.66
N LEU B 252 2.37 -21.95 9.55
CA LEU B 252 3.85 -21.90 9.52
C LEU B 252 4.34 -22.44 8.19
N LEU B 253 3.76 -23.54 7.71
CA LEU B 253 4.10 -24.16 6.44
C LEU B 253 3.84 -23.20 5.28
N GLU B 254 2.66 -22.56 5.22
CA GLU B 254 2.30 -21.58 4.21
C GLU B 254 3.31 -20.43 4.19
N ILE B 255 3.69 -19.90 5.38
CA ILE B 255 4.68 -18.82 5.53
C ILE B 255 6.03 -19.28 4.97
N CYS B 256 6.44 -20.51 5.34
CA CYS B 256 7.68 -21.10 4.89
C CYS B 256 7.75 -21.29 3.37
N PHE B 257 6.64 -21.76 2.75
CA PHE B 257 6.50 -22.00 1.33
C PHE B 257 6.08 -20.73 0.56
N ASP B 258 6.42 -19.53 1.09
CA ASP B 258 6.17 -18.18 0.55
C ASP B 258 4.73 -17.93 0.03
N GLY B 259 3.75 -18.18 0.90
CA GLY B 259 2.35 -17.96 0.58
C GLY B 259 1.68 -19.08 -0.16
N GLU B 260 2.42 -20.15 -0.46
CA GLU B 260 1.88 -21.33 -1.15
C GLU B 260 1.43 -22.38 -0.12
N ALA B 261 0.16 -22.78 -0.15
CA ALA B 261 -0.38 -23.74 0.80
C ALA B 261 -0.09 -25.18 0.44
N PRO B 262 0.18 -26.06 1.44
CA PRO B 262 0.38 -27.49 1.10
C PRO B 262 -0.99 -28.14 0.88
N LEU B 263 -1.45 -28.23 -0.40
CA LEU B 263 -2.74 -28.74 -0.93
C LEU B 263 -3.64 -27.57 -1.35
N ARG B 266 -4.94 -28.36 -4.84
CA ARG B 266 -5.66 -29.63 -4.92
C ARG B 266 -7.20 -29.45 -5.06
N SER B 267 -7.89 -30.53 -5.48
CA SER B 267 -9.34 -30.60 -5.71
C SER B 267 -10.10 -31.03 -4.44
N PRO B 268 -11.41 -30.66 -4.26
CA PRO B 268 -12.12 -31.02 -3.02
C PRO B 268 -12.02 -32.49 -2.60
N SER B 269 -12.30 -33.45 -3.52
CA SER B 269 -12.22 -34.88 -3.22
C SER B 269 -10.81 -35.26 -2.76
N GLU B 270 -9.76 -34.76 -3.46
CA GLU B 270 -8.34 -35.01 -3.14
C GLU B 270 -8.00 -34.59 -1.70
N LYS B 271 -8.49 -33.40 -1.26
CA LYS B 271 -8.29 -32.83 0.07
C LYS B 271 -8.98 -33.61 1.16
N GLU B 272 -10.23 -34.02 0.94
CA GLU B 272 -11.02 -34.82 1.89
C GLU B 272 -10.36 -36.19 2.10
N HIS B 273 -9.97 -36.85 0.97
CA HIS B 273 -9.27 -38.14 0.96
C HIS B 273 -7.95 -38.09 1.71
N PHE B 274 -7.22 -36.95 1.64
CA PHE B 274 -5.97 -36.71 2.36
C PHE B 274 -6.18 -36.83 3.87
N TYR B 275 -7.26 -36.18 4.40
CA TYR B 275 -7.61 -36.22 5.82
C TYR B 275 -8.20 -37.57 6.23
N GLN B 276 -9.10 -38.12 5.41
CA GLN B 276 -9.75 -39.41 5.66
C GLN B 276 -8.68 -40.52 5.75
N ARG B 277 -7.65 -40.49 4.85
CA ARG B 277 -6.55 -41.45 4.85
C ARG B 277 -5.50 -41.15 5.95
N GLN B 278 -5.68 -40.04 6.73
CA GLN B 278 -4.87 -39.60 7.87
C GLN B 278 -3.38 -39.27 7.51
N HIS B 279 -3.17 -38.87 6.22
CA HIS B 279 -1.89 -38.45 5.65
C HIS B 279 -1.45 -37.15 6.26
N ARG B 280 -0.12 -36.92 6.32
CA ARG B 280 0.40 -35.72 6.93
C ARG B 280 0.94 -34.71 5.94
N LEU B 281 0.88 -33.45 6.35
CA LEU B 281 1.32 -32.32 5.55
C LEU B 281 2.85 -32.31 5.41
N PRO B 282 3.42 -31.68 4.36
CA PRO B 282 4.88 -31.66 4.21
C PRO B 282 5.66 -31.06 5.37
N GLU B 283 6.98 -31.23 5.33
CA GLU B 283 7.89 -30.68 6.32
C GLU B 283 8.27 -29.28 5.84
N PRO B 284 8.53 -28.30 6.73
CA PRO B 284 8.84 -26.96 6.26
C PRO B 284 10.17 -26.88 5.51
N SER B 285 10.33 -25.84 4.66
CA SER B 285 11.57 -25.57 3.90
C SER B 285 12.70 -25.17 4.88
N CYS B 286 12.32 -24.57 6.05
CA CYS B 286 13.24 -24.18 7.13
C CYS B 286 13.28 -25.27 8.23
N PRO B 287 14.47 -25.75 8.66
CA PRO B 287 14.51 -26.84 9.66
C PRO B 287 14.18 -26.41 11.09
N GLN B 288 14.28 -25.09 11.37
CA GLN B 288 14.01 -24.51 12.69
C GLN B 288 12.57 -24.80 13.16
N LEU B 289 11.59 -24.72 12.23
CA LEU B 289 10.18 -24.93 12.50
C LEU B 289 9.68 -26.40 12.32
N ALA B 290 10.55 -27.32 11.89
CA ALA B 290 10.21 -28.73 11.60
C ALA B 290 9.63 -29.54 12.77
N THR B 291 10.20 -29.45 13.98
CA THR B 291 9.73 -30.18 15.17
C THR B 291 8.36 -29.65 15.58
N LEU B 292 8.26 -28.30 15.66
CA LEU B 292 7.07 -27.55 16.03
C LEU B 292 5.87 -27.93 15.15
N THR B 293 6.00 -27.80 13.80
CA THR B 293 4.97 -28.13 12.81
C THR B 293 4.52 -29.58 12.95
N SER B 294 5.48 -30.51 13.12
CA SER B 294 5.21 -31.94 13.35
C SER B 294 4.36 -32.12 14.62
N GLN B 295 4.68 -31.40 15.72
CA GLN B 295 3.91 -31.46 16.96
C GLN B 295 2.50 -30.86 16.80
N CYS B 296 2.38 -29.74 16.06
CA CYS B 296 1.12 -29.03 15.82
C CYS B 296 0.19 -29.73 14.86
N LEU B 297 0.75 -30.44 13.86
CA LEU B 297 -0.04 -31.06 12.80
C LEU B 297 -0.23 -32.57 12.99
N THR B 298 -0.45 -32.96 14.26
CA THR B 298 -0.79 -34.32 14.63
C THR B 298 -2.33 -34.43 14.61
N TYR B 299 -2.84 -35.60 14.19
CA TYR B 299 -4.26 -35.88 14.13
C TYR B 299 -4.90 -36.06 15.52
N GLU B 300 -4.06 -36.30 16.56
CA GLU B 300 -4.52 -36.39 17.95
C GLU B 300 -4.51 -34.97 18.58
N PRO B 301 -5.71 -34.35 18.75
CA PRO B 301 -5.78 -32.99 19.30
C PRO B 301 -5.11 -32.77 20.65
N THR B 302 -5.15 -33.79 21.53
CA THR B 302 -4.61 -33.76 22.89
C THR B 302 -3.09 -33.73 22.95
N GLN B 303 -2.41 -34.18 21.87
CA GLN B 303 -0.95 -34.24 21.77
C GLN B 303 -0.31 -32.94 21.28
N ARG B 304 -1.12 -31.97 20.81
CA ARG B 304 -0.61 -30.71 20.28
C ARG B 304 -0.10 -29.85 21.42
N PRO B 305 1.09 -29.21 21.29
CA PRO B 305 1.61 -28.37 22.40
C PRO B 305 0.78 -27.14 22.67
N SER B 306 0.86 -26.56 23.88
CA SER B 306 0.14 -25.33 24.16
C SER B 306 0.90 -24.15 23.50
N PHE B 307 0.22 -22.99 23.28
CA PHE B 307 0.89 -21.82 22.69
C PHE B 307 1.89 -21.23 23.67
N ARG B 308 1.71 -21.53 25.00
CA ARG B 308 2.61 -21.15 26.10
C ARG B 308 3.99 -21.79 25.78
N THR B 309 3.96 -23.10 25.45
CA THR B 309 5.11 -23.91 25.08
C THR B 309 5.67 -23.40 23.75
N ILE B 310 4.82 -23.33 22.69
CA ILE B 310 5.15 -22.85 21.33
C ILE B 310 5.86 -21.49 21.40
N LEU B 311 5.31 -20.52 22.14
CA LEU B 311 5.87 -19.18 22.30
C LEU B 311 7.25 -19.21 22.98
N ARG B 312 7.42 -20.08 24.01
CA ARG B 312 8.70 -20.26 24.72
C ARG B 312 9.75 -20.86 23.76
N ASP B 313 9.39 -21.98 23.11
CA ASP B 313 10.20 -22.69 22.13
C ASP B 313 10.61 -21.82 20.92
N LEU B 314 9.76 -20.87 20.48
CA LEU B 314 10.08 -19.97 19.36
C LEU B 314 11.20 -18.98 19.70
N THR B 315 11.53 -18.85 21.00
CA THR B 315 12.67 -18.06 21.48
C THR B 315 13.81 -19.08 21.64
#